data_1IQL
#
_entry.id   1IQL
#
_cell.length_a   71.880
_cell.length_b   78.670
_cell.length_c   55.850
_cell.angle_alpha   90.00
_cell.angle_beta   90.00
_cell.angle_gamma   90.00
#
_symmetry.space_group_name_H-M   'P 21 21 21'
#
loop_
_entity.id
_entity.type
_entity.pdbx_description
1 polymer 'coagulation Factor Xa'
2 polymer 'coagulation Factor Xa'
3 non-polymer 'CALCIUM ION'
4 non-polymer 4-[[(1E)-2-(4-CHLOROPHENYL)ETHENYL]SULFONYL]-1-[[1-(4-PYRIDINYL)-4-PIPERIDINYL]METHYL]PIPERAZINONE
#
loop_
_entity_poly.entity_id
_entity_poly.type
_entity_poly.pdbx_seq_one_letter_code
_entity_poly.pdbx_strand_id
1 'polypeptide(L)'
;IVGGQECKDGECPWQALLINEENEGFCGGTILSEFYILTAAHCLYQAKRFKVRVGDRNTEQEEGGEAVHEVEVVIKHNRF
TKETYDFDIAVLRLKTPITFRMNVAPACLPERDWAESTLMTQKTGIVSGFGRTHEKGRQSTRLKMLEVPYVDRNSCKLSS
SFIITQNMFCAGYDTKQEDACQGDSGGPHVTRFKDTYFVTGIVSWGEGCARKGKYGIYTKVTAFLKWIDRSMKTR
;
A
2 'polypeptide(L)'
;YKDGDQCETSPCQNQGKCKDGLGEYTCTCLEGFEGKNCELFTRKLCSLDNGDCDQFCHEEQNSVVCSCARGYTLADNGKA
CIPTGPYPCGKQTLER
;
L
#
# COMPACT_ATOMS: atom_id res chain seq x y z
N ILE A 1 -4.50 -13.17 -3.47
CA ILE A 1 -4.99 -13.12 -2.06
C ILE A 1 -5.50 -14.49 -1.66
N VAL A 2 -5.41 -14.81 -0.37
CA VAL A 2 -5.90 -16.09 0.12
C VAL A 2 -7.08 -15.82 1.01
N GLY A 3 -8.20 -16.45 0.68
CA GLY A 3 -9.43 -16.28 1.46
C GLY A 3 -9.68 -14.90 2.03
N GLY A 4 -10.27 -14.02 1.22
CA GLY A 4 -10.57 -12.68 1.69
C GLY A 4 -11.86 -12.22 1.04
N GLN A 5 -12.25 -10.97 1.23
CA GLN A 5 -13.46 -10.47 0.59
C GLN A 5 -13.09 -9.94 -0.80
N GLU A 6 -14.10 -9.45 -1.51
CA GLU A 6 -13.92 -8.89 -2.86
C GLU A 6 -13.92 -7.38 -2.67
N CYS A 7 -13.23 -6.66 -3.55
CA CYS A 7 -13.20 -5.20 -3.48
C CYS A 7 -14.43 -4.71 -4.23
N LYS A 8 -15.46 -4.30 -3.51
CA LYS A 8 -16.68 -3.81 -4.14
C LYS A 8 -16.39 -2.48 -4.82
N ASP A 9 -17.35 -1.97 -5.57
CA ASP A 9 -17.17 -0.72 -6.29
C ASP A 9 -16.68 0.47 -5.46
N GLY A 10 -15.48 0.95 -5.81
CA GLY A 10 -14.91 2.10 -5.12
C GLY A 10 -14.17 1.91 -3.81
N GLU A 11 -13.87 0.67 -3.43
CA GLU A 11 -13.18 0.41 -2.16
C GLU A 11 -11.66 0.37 -2.22
N CYS A 12 -11.11 -0.21 -3.28
CA CYS A 12 -9.68 -0.31 -3.44
C CYS A 12 -9.26 0.47 -4.69
N PRO A 13 -9.59 1.76 -4.74
CA PRO A 13 -9.26 2.61 -5.90
C PRO A 13 -7.80 2.94 -6.09
N TRP A 14 -6.98 2.62 -5.09
CA TRP A 14 -5.54 2.91 -5.14
C TRP A 14 -4.75 1.71 -5.61
N GLN A 15 -5.45 0.64 -5.94
CA GLN A 15 -4.78 -0.56 -6.43
C GLN A 15 -4.24 -0.28 -7.82
N ALA A 16 -3.21 -1.02 -8.19
CA ALA A 16 -2.59 -0.87 -9.49
C ALA A 16 -2.06 -2.25 -9.77
N LEU A 17 -2.04 -2.64 -11.03
CA LEU A 17 -1.57 -3.96 -11.40
C LEU A 17 -0.52 -3.86 -12.48
N LEU A 18 0.66 -4.42 -12.22
CA LEU A 18 1.73 -4.39 -13.21
C LEU A 18 1.49 -5.55 -14.16
N ILE A 19 1.26 -5.22 -15.43
CA ILE A 19 0.98 -6.22 -16.46
C ILE A 19 2.20 -6.53 -17.32
N ASN A 20 2.31 -7.78 -17.74
CA ASN A 20 3.44 -8.22 -18.56
C ASN A 20 3.07 -8.15 -20.03
N GLU A 21 4.05 -8.47 -20.88
CA GLU A 21 3.86 -8.45 -22.32
C GLU A 21 2.64 -9.25 -22.81
N GLU A 22 2.43 -10.43 -22.25
CA GLU A 22 1.29 -11.23 -22.64
C GLU A 22 0.03 -10.70 -21.95
N ASN A 23 0.18 -9.52 -21.34
CA ASN A 23 -0.91 -8.85 -20.64
C ASN A 23 -1.45 -9.57 -19.41
N GLU A 24 -0.57 -10.24 -18.69
CA GLU A 24 -0.92 -10.96 -17.47
C GLU A 24 -0.47 -10.18 -16.24
N GLY A 25 -1.27 -10.20 -15.19
CA GLY A 25 -0.87 -9.51 -13.97
C GLY A 25 0.28 -10.28 -13.34
N PHE A 26 1.24 -9.57 -12.76
CA PHE A 26 2.36 -10.27 -12.16
C PHE A 26 2.94 -9.56 -10.95
N CYS A 27 2.25 -8.51 -10.50
CA CYS A 27 2.68 -7.73 -9.35
C CYS A 27 1.68 -6.62 -9.14
N GLY A 28 1.68 -6.06 -7.94
CA GLY A 28 0.76 -4.99 -7.59
C GLY A 28 1.48 -3.67 -7.42
N GLY A 29 0.72 -2.60 -7.21
CA GLY A 29 1.30 -1.28 -7.05
C GLY A 29 0.33 -0.40 -6.29
N THR A 30 0.75 0.79 -5.93
CA THR A 30 -0.12 1.68 -5.19
C THR A 30 -0.05 3.08 -5.77
N ILE A 31 -1.21 3.64 -6.08
CA ILE A 31 -1.25 4.98 -6.64
C ILE A 31 -0.95 6.03 -5.58
N LEU A 32 0.21 6.66 -5.71
CA LEU A 32 0.61 7.69 -4.77
C LEU A 32 0.12 9.07 -5.23
N SER A 33 -0.05 9.23 -6.54
CA SER A 33 -0.52 10.48 -7.12
C SER A 33 -0.72 10.26 -8.62
N GLU A 34 -1.11 11.31 -9.35
CA GLU A 34 -1.36 11.15 -10.77
C GLU A 34 -0.18 10.65 -11.60
N PHE A 35 1.04 10.92 -11.16
CA PHE A 35 2.20 10.49 -11.91
C PHE A 35 3.00 9.36 -11.27
N TYR A 36 2.79 9.13 -9.97
CA TYR A 36 3.56 8.11 -9.28
C TYR A 36 2.87 6.90 -8.71
N ILE A 37 3.49 5.76 -8.94
CA ILE A 37 3.04 4.47 -8.48
C ILE A 37 4.11 3.89 -7.54
N LEU A 38 3.70 3.31 -6.42
CA LEU A 38 4.64 2.70 -5.49
C LEU A 38 4.52 1.19 -5.57
N THR A 39 5.64 0.50 -5.75
CA THR A 39 5.64 -0.96 -5.84
C THR A 39 6.86 -1.54 -5.13
N ALA A 40 7.06 -2.84 -5.23
CA ALA A 40 8.19 -3.50 -4.61
C ALA A 40 9.36 -3.64 -5.56
N ALA A 41 10.51 -3.14 -5.13
CA ALA A 41 11.74 -3.17 -5.91
C ALA A 41 11.94 -4.48 -6.65
N HIS A 42 11.80 -5.60 -5.94
CA HIS A 42 12.00 -6.90 -6.55
C HIS A 42 10.99 -7.26 -7.66
N CYS A 43 9.91 -6.51 -7.82
CA CYS A 43 8.94 -6.82 -8.86
C CYS A 43 9.52 -6.55 -10.25
N LEU A 44 10.43 -5.60 -10.31
CA LEU A 44 11.07 -5.18 -11.56
C LEU A 44 11.91 -6.29 -12.20
N TYR A 45 12.16 -7.36 -11.45
CA TYR A 45 12.97 -8.45 -11.96
C TYR A 45 12.12 -9.61 -12.49
N GLN A 46 10.81 -9.38 -12.64
CA GLN A 46 9.91 -10.42 -13.11
C GLN A 46 9.30 -10.17 -14.48
N ALA A 47 9.85 -9.21 -15.22
CA ALA A 47 9.32 -8.91 -16.54
C ALA A 47 10.27 -8.05 -17.37
N LYS A 48 10.42 -8.41 -18.63
CA LYS A 48 11.30 -7.69 -19.56
C LYS A 48 10.82 -6.26 -19.80
N ARG A 49 9.51 -6.10 -19.93
CA ARG A 49 8.90 -4.79 -20.19
C ARG A 49 7.45 -4.90 -19.73
N PHE A 50 7.02 -3.99 -18.87
CA PHE A 50 5.65 -4.04 -18.36
C PHE A 50 4.95 -2.68 -18.39
N LYS A 51 3.67 -2.72 -18.07
CA LYS A 51 2.83 -1.52 -18.03
C LYS A 51 2.09 -1.59 -16.70
N VAL A 52 1.43 -0.50 -16.34
CA VAL A 52 0.66 -0.43 -15.10
C VAL A 52 -0.81 -0.12 -15.33
N ARG A 53 -1.67 -1.04 -14.93
CA ARG A 53 -3.11 -0.85 -15.10
C ARG A 53 -3.75 -0.34 -13.83
N VAL A 54 -4.86 0.37 -13.98
CA VAL A 54 -5.58 0.92 -12.84
C VAL A 54 -7.10 0.82 -13.06
N GLY A 55 -7.87 1.10 -12.01
CA GLY A 55 -9.32 1.03 -12.11
C GLY A 55 -9.87 -0.23 -12.74
N ASP A 56 -9.44 -1.38 -12.27
CA ASP A 56 -9.90 -2.66 -12.79
C ASP A 56 -10.24 -3.58 -11.63
N ARG A 57 -11.43 -4.17 -11.63
CA ARG A 57 -11.85 -5.05 -10.54
C ARG A 57 -12.11 -6.48 -10.99
N ASN A 58 -12.31 -6.64 -12.30
CA ASN A 58 -12.60 -7.94 -12.91
C ASN A 58 -11.73 -8.07 -14.16
N THR A 59 -10.76 -8.99 -14.17
CA THR A 59 -9.90 -9.11 -15.35
C THR A 59 -10.47 -10.01 -16.44
N GLU A 60 -11.70 -9.74 -16.84
CA GLU A 60 -12.38 -10.51 -17.88
C GLU A 60 -13.53 -9.71 -18.49
N GLN A 61 -14.37 -9.13 -17.63
CA GLN A 61 -15.50 -8.35 -18.09
C GLN A 61 -15.14 -6.86 -18.08
N GLU A 62 -14.87 -6.31 -19.26
CA GLU A 62 -14.51 -4.89 -19.42
C GLU A 62 -15.49 -3.95 -18.70
N GLU A 63 -15.10 -3.46 -17.52
CA GLU A 63 -15.95 -2.57 -16.73
C GLU A 63 -15.79 -1.12 -17.11
N GLY A 64 -16.33 -0.24 -16.28
CA GLY A 64 -16.26 1.19 -16.55
C GLY A 64 -14.91 1.76 -16.99
N GLY A 65 -14.18 2.35 -16.06
CA GLY A 65 -12.91 2.95 -16.41
C GLY A 65 -11.58 2.38 -15.96
N GLU A 66 -11.11 1.33 -16.64
CA GLU A 66 -9.81 0.78 -16.31
C GLU A 66 -8.84 1.43 -17.32
N ALA A 67 -7.75 2.02 -16.85
CA ALA A 67 -6.81 2.65 -17.76
C ALA A 67 -5.45 1.99 -17.70
N VAL A 68 -4.77 1.94 -18.85
CA VAL A 68 -3.43 1.36 -18.92
C VAL A 68 -2.44 2.50 -19.12
N HIS A 69 -1.27 2.40 -18.49
CA HIS A 69 -0.26 3.44 -18.62
C HIS A 69 1.14 2.89 -18.86
N GLU A 70 1.97 3.71 -19.51
CA GLU A 70 3.33 3.30 -19.79
C GLU A 70 4.33 3.97 -18.85
N VAL A 71 5.36 3.20 -18.50
CA VAL A 71 6.39 3.66 -17.58
C VAL A 71 7.42 4.58 -18.21
N GLU A 72 7.56 5.78 -17.65
CA GLU A 72 8.53 6.74 -18.16
C GLU A 72 9.90 6.37 -17.58
N VAL A 73 9.94 6.27 -16.26
CA VAL A 73 11.16 5.92 -15.55
C VAL A 73 10.89 5.00 -14.36
N VAL A 74 11.85 4.11 -14.10
CA VAL A 74 11.76 3.18 -12.98
C VAL A 74 12.82 3.61 -11.96
N ILE A 75 12.39 3.85 -10.73
CA ILE A 75 13.30 4.28 -9.66
C ILE A 75 13.43 3.24 -8.53
N LYS A 76 14.32 2.26 -8.73
CA LYS A 76 14.57 1.21 -7.76
C LYS A 76 15.31 1.82 -6.55
N HIS A 77 15.49 1.05 -5.48
CA HIS A 77 16.21 1.56 -4.30
C HIS A 77 17.66 1.09 -4.38
N ASN A 78 18.58 2.04 -4.24
CA ASN A 78 20.01 1.77 -4.28
C ASN A 78 20.38 0.47 -3.60
N ARG A 79 19.98 0.38 -2.33
CA ARG A 79 20.28 -0.76 -1.49
C ARG A 79 19.44 -2.02 -1.64
N PHE A 80 18.63 -2.13 -2.69
CA PHE A 80 17.81 -3.34 -2.83
C PHE A 80 18.69 -4.57 -2.97
N THR A 81 18.50 -5.51 -2.05
CA THR A 81 19.27 -6.75 -2.03
C THR A 81 18.41 -7.90 -2.52
N LYS A 82 18.87 -8.56 -3.58
CA LYS A 82 18.15 -9.67 -4.17
C LYS A 82 17.85 -10.82 -3.20
N GLU A 83 18.90 -11.38 -2.62
CA GLU A 83 18.81 -12.52 -1.72
C GLU A 83 18.10 -12.34 -0.37
N THR A 84 18.07 -11.13 0.16
CA THR A 84 17.44 -10.92 1.45
C THR A 84 16.18 -10.07 1.37
N TYR A 85 15.64 -9.90 0.17
CA TYR A 85 14.43 -9.09 -0.02
C TYR A 85 14.50 -7.80 0.79
N ASP A 86 15.72 -7.35 1.08
CA ASP A 86 15.90 -6.13 1.87
C ASP A 86 15.84 -4.90 0.97
N PHE A 87 15.17 -3.86 1.47
CA PHE A 87 14.99 -2.61 0.72
C PHE A 87 14.12 -2.86 -0.50
N ASP A 88 13.04 -3.60 -0.29
CA ASP A 88 12.09 -3.95 -1.33
C ASP A 88 11.12 -2.81 -1.51
N ILE A 89 11.44 -1.89 -2.41
CA ILE A 89 10.57 -0.75 -2.64
C ILE A 89 11.02 0.09 -3.82
N ALA A 90 10.07 0.40 -4.70
CA ALA A 90 10.37 1.20 -5.88
C ALA A 90 9.28 2.24 -6.14
N VAL A 91 9.48 2.98 -7.21
CA VAL A 91 8.54 4.01 -7.59
C VAL A 91 8.57 4.13 -9.11
N LEU A 92 7.40 4.29 -9.71
CA LEU A 92 7.28 4.43 -11.16
C LEU A 92 6.64 5.75 -11.55
N ARG A 93 7.32 6.50 -12.40
CA ARG A 93 6.80 7.77 -12.90
C ARG A 93 6.17 7.37 -14.22
N LEU A 94 4.88 7.69 -14.37
CA LEU A 94 4.15 7.35 -15.59
C LEU A 94 4.33 8.43 -16.66
N LYS A 95 4.29 8.03 -17.93
CA LYS A 95 4.42 8.99 -19.02
C LYS A 95 3.20 9.92 -19.12
N THR A 96 2.00 9.36 -18.97
CA THR A 96 0.78 10.16 -19.04
C THR A 96 0.06 10.16 -17.70
N PRO A 97 -0.37 11.35 -17.23
CA PRO A 97 -1.07 11.48 -15.94
C PRO A 97 -2.21 10.50 -15.77
N ILE A 98 -2.68 10.35 -14.54
CA ILE A 98 -3.79 9.44 -14.27
C ILE A 98 -5.01 10.29 -13.96
N THR A 99 -6.14 9.95 -14.56
CA THR A 99 -7.34 10.72 -14.32
C THR A 99 -8.13 10.01 -13.25
N PHE A 100 -8.40 10.72 -12.16
CA PHE A 100 -9.12 10.10 -11.07
C PHE A 100 -10.61 10.01 -11.31
N ARG A 101 -11.13 8.79 -11.23
CA ARG A 101 -12.55 8.50 -11.41
C ARG A 101 -12.95 7.37 -10.45
N MET A 102 -14.20 6.94 -10.51
CA MET A 102 -14.66 5.84 -9.69
C MET A 102 -13.65 4.72 -9.93
N ASN A 103 -13.25 4.03 -8.86
CA ASN A 103 -12.28 2.94 -8.96
C ASN A 103 -10.87 3.38 -9.34
N VAL A 104 -10.56 4.67 -9.22
CA VAL A 104 -9.23 5.13 -9.57
C VAL A 104 -8.79 6.38 -8.81
N ALA A 105 -8.31 6.20 -7.58
CA ALA A 105 -7.85 7.33 -6.76
C ALA A 105 -6.58 6.98 -5.97
N PRO A 106 -5.87 7.99 -5.43
CA PRO A 106 -4.63 7.79 -4.66
C PRO A 106 -4.76 7.63 -3.15
N ALA A 107 -3.95 6.74 -2.59
CA ALA A 107 -3.89 6.50 -1.16
C ALA A 107 -2.94 7.54 -0.58
N CYS A 108 -3.22 7.99 0.64
CA CYS A 108 -2.42 9.01 1.30
C CYS A 108 -1.08 8.55 1.91
N LEU A 109 -0.07 9.40 1.83
CA LEU A 109 1.24 9.13 2.42
C LEU A 109 1.22 9.84 3.78
N PRO A 110 1.51 9.12 4.87
CA PRO A 110 1.50 9.73 6.21
C PRO A 110 2.89 10.20 6.60
N GLU A 111 3.00 10.72 7.81
CA GLU A 111 4.29 11.14 8.33
C GLU A 111 4.78 10.00 9.26
N ARG A 112 6.05 9.62 9.10
CA ARG A 112 6.67 8.54 9.86
C ARG A 112 6.21 8.36 11.31
N ASP A 113 6.56 9.30 12.17
CA ASP A 113 6.18 9.20 13.59
C ASP A 113 4.72 8.81 13.70
N TRP A 114 3.84 9.81 13.60
CA TRP A 114 2.38 9.64 13.66
C TRP A 114 1.94 8.30 13.04
N ALA A 115 2.48 7.97 11.88
CA ALA A 115 2.12 6.71 11.24
C ALA A 115 2.50 5.53 12.13
N GLU A 116 3.81 5.35 12.37
CA GLU A 116 4.31 4.26 13.20
C GLU A 116 3.70 4.26 14.60
N SER A 117 3.22 5.42 15.05
CA SER A 117 2.61 5.47 16.38
C SER A 117 1.12 5.19 16.38
N THR A 118 0.35 5.99 15.64
CA THR A 118 -1.12 5.80 15.55
C THR A 118 -1.50 4.72 14.55
N LEU A 119 -1.27 5.03 13.28
CA LEU A 119 -1.58 4.11 12.19
C LEU A 119 -1.08 2.70 12.40
N MET A 120 0.18 2.53 12.74
CA MET A 120 0.73 1.18 12.89
C MET A 120 0.33 0.39 14.14
N THR A 121 -0.32 1.06 15.09
CA THR A 121 -0.75 0.41 16.32
C THR A 121 -2.22 0.06 16.29
N GLN A 122 -2.87 0.28 15.15
CA GLN A 122 -4.28 -0.05 15.03
C GLN A 122 -4.33 -1.58 15.04
N LYS A 123 -5.52 -2.16 15.05
CA LYS A 123 -5.61 -3.62 15.05
C LYS A 123 -5.28 -4.20 13.69
N THR A 124 -6.19 -4.04 12.74
CA THR A 124 -6.00 -4.59 11.41
C THR A 124 -5.42 -3.60 10.38
N GLY A 125 -5.22 -4.09 9.17
CA GLY A 125 -4.70 -3.30 8.07
C GLY A 125 -5.22 -3.95 6.81
N ILE A 126 -5.37 -3.20 5.72
CA ILE A 126 -5.91 -3.82 4.50
C ILE A 126 -4.87 -4.05 3.44
N VAL A 127 -4.93 -5.22 2.82
CA VAL A 127 -4.02 -5.57 1.74
C VAL A 127 -4.88 -6.08 0.58
N SER A 128 -4.46 -5.81 -0.66
CA SER A 128 -5.24 -6.22 -1.81
C SER A 128 -4.41 -6.53 -3.06
N GLY A 129 -5.01 -7.27 -4.01
CA GLY A 129 -4.32 -7.62 -5.24
C GLY A 129 -5.10 -8.60 -6.09
N PHE A 130 -4.48 -9.07 -7.17
CA PHE A 130 -5.11 -10.04 -8.07
C PHE A 130 -4.33 -11.35 -8.00
N GLY A 131 -3.53 -11.49 -6.94
CA GLY A 131 -2.72 -12.67 -6.74
C GLY A 131 -3.47 -13.95 -6.42
N ARG A 132 -2.80 -15.08 -6.56
CA ARG A 132 -3.35 -16.41 -6.33
C ARG A 132 -4.25 -16.53 -5.11
N THR A 133 -5.39 -17.20 -5.29
CA THR A 133 -6.37 -17.37 -4.23
C THR A 133 -5.87 -18.21 -3.06
N HIS A 134 -4.83 -19.00 -3.32
CA HIS A 134 -4.22 -19.86 -2.31
C HIS A 134 -3.06 -20.70 -2.86
N GLU A 135 -1.90 -20.57 -2.21
CA GLU A 135 -0.66 -21.25 -2.56
C GLU A 135 -0.52 -21.89 -3.96
N LYS A 136 -0.80 -23.18 -4.07
CA LYS A 136 -0.65 -23.89 -5.35
C LYS A 136 -1.76 -23.66 -6.38
N GLY A 137 -2.48 -22.54 -6.26
CA GLY A 137 -3.57 -22.26 -7.17
C GLY A 137 -3.30 -21.29 -8.32
N ARG A 138 -4.37 -20.88 -8.99
CA ARG A 138 -4.29 -19.95 -10.12
C ARG A 138 -4.52 -18.53 -9.62
N GLN A 139 -3.95 -17.57 -10.34
CA GLN A 139 -4.02 -16.15 -9.99
C GLN A 139 -5.35 -15.72 -9.36
N SER A 140 -6.14 -14.97 -10.11
CA SER A 140 -7.44 -14.48 -9.66
C SER A 140 -7.92 -13.35 -10.57
N THR A 141 -9.13 -13.48 -11.09
CA THR A 141 -9.66 -12.45 -11.96
C THR A 141 -10.20 -11.28 -11.14
N ARG A 142 -10.91 -11.58 -10.06
CA ARG A 142 -11.45 -10.52 -9.23
C ARG A 142 -10.40 -9.92 -8.29
N LEU A 143 -10.54 -8.64 -7.99
CA LEU A 143 -9.63 -7.93 -7.09
C LEU A 143 -10.12 -8.14 -5.66
N LYS A 144 -9.26 -8.65 -4.79
CA LYS A 144 -9.67 -8.88 -3.41
C LYS A 144 -9.01 -7.97 -2.37
N MET A 145 -9.58 -7.96 -1.16
CA MET A 145 -9.06 -7.17 -0.04
C MET A 145 -9.19 -7.93 1.29
N LEU A 146 -8.08 -8.10 1.99
CA LEU A 146 -8.07 -8.82 3.27
C LEU A 146 -7.70 -7.88 4.40
N GLU A 147 -8.35 -8.08 5.55
CA GLU A 147 -8.08 -7.27 6.74
C GLU A 147 -7.08 -8.03 7.60
N VAL A 148 -5.80 -7.81 7.36
CA VAL A 148 -4.73 -8.49 8.10
C VAL A 148 -4.28 -7.71 9.32
N PRO A 149 -4.30 -8.34 10.50
CA PRO A 149 -3.89 -7.68 11.74
C PRO A 149 -2.37 -7.60 11.86
N TYR A 150 -1.88 -6.50 12.43
CA TYR A 150 -0.44 -6.31 12.62
C TYR A 150 0.09 -7.41 13.53
N VAL A 151 1.33 -7.82 13.31
CA VAL A 151 1.95 -8.87 14.11
C VAL A 151 3.04 -8.33 15.05
N ASP A 152 3.13 -8.88 16.25
CA ASP A 152 4.15 -8.44 17.20
C ASP A 152 5.52 -8.67 16.54
N ARG A 153 6.39 -7.65 16.57
CA ARG A 153 7.70 -7.77 15.94
C ARG A 153 8.57 -8.89 16.50
N ASN A 154 8.52 -9.09 17.81
CA ASN A 154 9.31 -10.12 18.43
C ASN A 154 8.73 -11.50 18.11
N SER A 155 7.40 -11.58 18.09
CA SER A 155 6.70 -12.82 17.77
C SER A 155 6.76 -13.04 16.25
N CYS A 156 7.17 -11.99 15.56
CA CYS A 156 7.32 -11.97 14.11
C CYS A 156 8.69 -12.58 13.79
N LYS A 157 9.75 -11.95 14.31
CA LYS A 157 11.12 -12.42 14.09
C LYS A 157 11.33 -13.89 14.45
N LEU A 158 10.59 -14.36 15.45
CA LEU A 158 10.71 -15.74 15.90
C LEU A 158 10.12 -16.75 14.91
N SER A 159 8.98 -16.39 14.31
CA SER A 159 8.31 -17.27 13.37
C SER A 159 9.06 -17.45 12.05
N SER A 160 9.84 -16.44 11.68
CA SER A 160 10.60 -16.46 10.42
C SER A 160 11.56 -17.63 10.21
N SER A 161 12.45 -17.44 9.23
CA SER A 161 13.47 -18.41 8.83
C SER A 161 14.52 -17.55 8.15
N PHE A 162 14.25 -16.25 8.11
CA PHE A 162 15.15 -15.31 7.46
C PHE A 162 15.12 -13.98 8.23
N ILE A 163 16.25 -13.30 8.26
CA ILE A 163 16.34 -12.04 8.98
C ILE A 163 15.22 -11.07 8.58
N ILE A 164 14.67 -10.38 9.57
CA ILE A 164 13.64 -9.40 9.34
C ILE A 164 14.31 -8.05 9.57
N THR A 165 14.92 -7.46 8.53
CA THR A 165 15.61 -6.19 8.72
C THR A 165 14.67 -5.09 9.17
N GLN A 166 15.25 -3.92 9.44
CA GLN A 166 14.47 -2.78 9.90
C GLN A 166 13.45 -2.32 8.87
N ASN A 167 13.68 -2.67 7.61
CA ASN A 167 12.77 -2.28 6.53
C ASN A 167 11.63 -3.28 6.31
N MET A 168 11.18 -3.94 7.38
CA MET A 168 10.12 -4.92 7.24
C MET A 168 9.26 -5.00 8.49
N PHE A 169 8.17 -5.77 8.43
CA PHE A 169 7.27 -5.96 9.57
C PHE A 169 6.22 -6.98 9.17
N CYS A 170 5.98 -7.97 10.04
CA CYS A 170 5.01 -9.01 9.73
C CYS A 170 3.59 -8.51 9.82
N ALA A 171 2.68 -9.30 9.25
CA ALA A 171 1.27 -8.97 9.26
C ALA A 171 0.48 -10.18 8.74
N GLY A 172 -0.56 -10.54 9.48
CA GLY A 172 -1.36 -11.67 9.08
C GLY A 172 -1.83 -12.51 10.24
N TYR A 173 -1.83 -13.82 10.05
CA TYR A 173 -2.29 -14.73 11.06
C TYR A 173 -1.35 -15.89 11.31
N ASP A 174 -1.60 -16.57 12.43
CA ASP A 174 -0.82 -17.72 12.80
C ASP A 174 -1.33 -18.90 11.97
N THR A 175 -2.59 -19.26 12.14
CA THR A 175 -3.16 -20.37 11.37
C THR A 175 -4.29 -20.03 10.41
N LYS A 176 -5.15 -19.09 10.79
CA LYS A 176 -6.28 -18.70 9.94
C LYS A 176 -5.86 -18.52 8.49
N GLN A 177 -6.37 -19.38 7.62
CA GLN A 177 -6.03 -19.33 6.20
C GLN A 177 -6.43 -17.99 5.55
N GLU A 178 -5.61 -16.98 5.77
CA GLU A 178 -5.83 -15.65 5.22
C GLU A 178 -4.48 -14.95 5.10
N ASP A 179 -4.11 -14.56 3.88
CA ASP A 179 -2.83 -13.91 3.66
C ASP A 179 -2.60 -13.51 2.20
N ALA A 180 -1.59 -12.70 1.95
CA ALA A 180 -1.26 -12.26 0.61
C ALA A 180 -0.62 -13.48 -0.04
N CYS A 181 -0.26 -13.39 -1.32
CA CYS A 181 0.36 -14.52 -2.00
C CYS A 181 0.94 -14.10 -3.35
N GLN A 182 1.39 -15.06 -4.14
CA GLN A 182 1.98 -14.73 -5.44
C GLN A 182 1.09 -13.83 -6.29
N GLY A 183 1.70 -12.80 -6.89
CA GLY A 183 0.92 -11.90 -7.71
C GLY A 183 0.36 -10.74 -6.90
N ASP A 184 0.69 -10.68 -5.63
CA ASP A 184 0.23 -9.59 -4.80
C ASP A 184 1.43 -8.74 -4.46
N SER A 185 2.61 -9.34 -4.52
CA SER A 185 3.83 -8.62 -4.22
C SER A 185 3.80 -7.27 -4.91
N GLY A 186 4.23 -6.23 -4.21
CA GLY A 186 4.24 -4.89 -4.76
C GLY A 186 2.91 -4.20 -4.46
N GLY A 187 1.93 -5.05 -4.15
CA GLY A 187 0.59 -4.58 -3.86
C GLY A 187 0.54 -3.59 -2.73
N PRO A 188 -0.61 -2.94 -2.55
CA PRO A 188 -0.73 -1.96 -1.48
C PRO A 188 -1.11 -2.55 -0.14
N HIS A 189 -0.61 -1.93 0.93
CA HIS A 189 -0.94 -2.31 2.30
C HIS A 189 -1.34 -0.98 2.90
N VAL A 190 -2.62 -0.84 3.22
CA VAL A 190 -3.12 0.41 3.77
C VAL A 190 -3.73 0.28 5.18
N THR A 191 -3.68 1.38 5.94
CA THR A 191 -4.26 1.40 7.28
C THR A 191 -5.35 2.48 7.28
N ARG A 192 -6.53 2.14 7.78
CA ARG A 192 -7.64 3.07 7.80
C ARG A 192 -7.69 3.89 9.07
N PHE A 193 -7.90 5.20 8.94
CA PHE A 193 -8.01 6.07 10.09
C PHE A 193 -9.02 7.17 9.79
N LYS A 194 -10.18 7.06 10.42
CA LYS A 194 -11.25 8.02 10.24
C LYS A 194 -11.66 8.18 8.78
N ASP A 195 -12.01 7.07 8.12
CA ASP A 195 -12.44 7.10 6.73
C ASP A 195 -11.41 7.72 5.79
N THR A 196 -10.14 7.43 6.04
CA THR A 196 -9.05 7.92 5.21
C THR A 196 -7.95 6.88 5.37
N TYR A 197 -7.61 6.23 4.28
CA TYR A 197 -6.61 5.19 4.25
C TYR A 197 -5.24 5.78 4.01
N PHE A 198 -4.20 5.10 4.50
CA PHE A 198 -2.81 5.56 4.34
C PHE A 198 -1.87 4.44 3.91
N VAL A 199 -0.90 4.77 3.07
CA VAL A 199 0.03 3.72 2.65
C VAL A 199 0.89 3.40 3.86
N THR A 200 0.90 2.13 4.25
CA THR A 200 1.68 1.73 5.41
C THR A 200 2.45 0.44 5.13
N GLY A 201 2.49 0.03 3.86
CA GLY A 201 3.21 -1.20 3.55
C GLY A 201 3.24 -1.57 2.09
N ILE A 202 4.10 -2.51 1.73
CA ILE A 202 4.25 -2.98 0.35
C ILE A 202 4.39 -4.50 0.38
N VAL A 203 3.46 -5.19 -0.25
CA VAL A 203 3.51 -6.64 -0.29
C VAL A 203 4.93 -7.04 -0.73
N SER A 204 5.74 -7.46 0.24
CA SER A 204 7.11 -7.83 -0.07
C SER A 204 7.30 -9.33 -0.25
N TRP A 205 7.17 -10.11 0.82
CA TRP A 205 7.34 -11.56 0.73
C TRP A 205 6.73 -12.33 1.89
N GLY A 206 6.86 -13.65 1.82
CA GLY A 206 6.34 -14.52 2.84
C GLY A 206 6.81 -15.92 2.57
N GLU A 207 6.65 -16.82 3.53
CA GLU A 207 7.09 -18.20 3.35
C GLU A 207 5.88 -19.09 3.03
N GLY A 208 5.62 -19.24 1.74
CA GLY A 208 4.47 -20.03 1.29
C GLY A 208 3.32 -19.05 1.18
N CYS A 209 2.12 -19.49 1.55
CA CYS A 209 0.95 -18.61 1.51
C CYS A 209 -0.03 -19.06 2.59
N ALA A 210 -0.20 -18.22 3.60
CA ALA A 210 -1.11 -18.54 4.70
C ALA A 210 -0.78 -19.87 5.33
N ARG A 211 0.48 -20.00 5.75
CA ARG A 211 0.96 -21.22 6.40
C ARG A 211 0.95 -21.01 7.91
N LYS A 212 0.76 -22.10 8.65
CA LYS A 212 0.76 -21.99 10.11
C LYS A 212 2.18 -21.70 10.58
N GLY A 213 2.28 -20.83 11.57
CA GLY A 213 3.60 -20.49 12.08
C GLY A 213 4.37 -19.53 11.20
N LYS A 214 3.66 -18.88 10.28
CA LYS A 214 4.26 -17.92 9.37
C LYS A 214 3.32 -16.76 9.10
N TYR A 215 3.90 -15.62 8.74
CA TYR A 215 3.14 -14.42 8.47
C TYR A 215 3.56 -13.79 7.15
N GLY A 216 2.83 -12.77 6.74
CA GLY A 216 3.16 -12.10 5.52
C GLY A 216 4.12 -10.98 5.87
N ILE A 217 5.23 -10.92 5.16
CA ILE A 217 6.22 -9.87 5.40
C ILE A 217 5.97 -8.72 4.43
N TYR A 218 5.79 -7.53 5.00
CA TYR A 218 5.54 -6.34 4.21
C TYR A 218 6.71 -5.38 4.39
N THR A 219 6.90 -4.53 3.40
CA THR A 219 7.95 -3.53 3.40
C THR A 219 7.48 -2.38 4.27
N LYS A 220 8.34 -1.88 5.16
CA LYS A 220 7.96 -0.78 6.04
C LYS A 220 8.09 0.56 5.33
N VAL A 221 6.96 1.04 4.84
CA VAL A 221 6.85 2.30 4.11
C VAL A 221 7.27 3.51 4.92
N THR A 222 6.95 3.50 6.20
CA THR A 222 7.30 4.62 7.05
C THR A 222 8.80 4.88 7.16
N ALA A 223 9.59 3.85 6.91
CA ALA A 223 11.04 3.99 6.96
C ALA A 223 11.59 4.54 5.66
N PHE A 224 10.74 4.62 4.64
CA PHE A 224 11.16 5.10 3.32
C PHE A 224 10.48 6.37 2.85
N LEU A 225 9.63 6.94 3.70
CA LEU A 225 8.93 8.17 3.36
C LEU A 225 9.86 9.18 2.69
N LYS A 226 10.80 9.74 3.44
CA LYS A 226 11.71 10.72 2.87
C LYS A 226 12.31 10.27 1.54
N TRP A 227 12.51 8.97 1.39
CA TRP A 227 13.07 8.45 0.15
C TRP A 227 12.04 8.54 -0.96
N ILE A 228 10.82 8.10 -0.66
CA ILE A 228 9.73 8.14 -1.61
C ILE A 228 9.49 9.59 -1.98
N ASP A 229 9.57 10.46 -1.00
CA ASP A 229 9.35 11.87 -1.24
C ASP A 229 10.32 12.39 -2.29
N ARG A 230 11.60 12.07 -2.15
CA ARG A 230 12.63 12.52 -3.10
C ARG A 230 12.37 11.95 -4.49
N SER A 231 12.09 10.66 -4.54
CA SER A 231 11.83 9.99 -5.79
C SER A 231 10.74 10.67 -6.60
N MET A 232 9.68 11.13 -5.93
CA MET A 232 8.58 11.81 -6.62
C MET A 232 8.95 13.24 -7.03
N LYS A 233 10.25 13.53 -7.03
CA LYS A 233 10.77 14.83 -7.45
C LYS A 233 11.70 14.50 -8.61
N THR A 234 11.57 13.28 -9.10
CA THR A 234 12.36 12.77 -10.21
C THR A 234 13.85 12.76 -9.88
N ARG A 235 14.43 11.57 -9.91
CA ARG A 235 15.87 11.37 -9.66
C ARG A 235 16.16 9.88 -9.67
N LYS B 44 -3.31 19.47 24.49
CA LYS B 44 -1.98 18.76 24.49
C LYS B 44 -2.18 17.23 24.51
N LEU B 45 -1.11 16.50 24.19
CA LEU B 45 -1.13 15.05 24.18
C LEU B 45 -1.80 14.43 22.95
N CYS B 46 -1.00 14.03 21.97
CA CYS B 46 -1.51 13.38 20.76
C CYS B 46 -1.83 11.95 21.13
N SER B 47 -1.86 11.67 22.43
CA SER B 47 -2.11 10.33 22.89
C SER B 47 -3.55 10.11 23.32
N LEU B 48 -4.13 11.12 23.96
CA LEU B 48 -5.50 11.00 24.44
C LEU B 48 -6.46 10.49 23.38
N ASP B 49 -6.40 11.07 22.19
CA ASP B 49 -7.28 10.66 21.10
C ASP B 49 -6.81 11.39 19.86
N ASN B 50 -5.59 11.06 19.45
CA ASN B 50 -4.94 11.69 18.31
C ASN B 50 -4.99 13.21 18.40
N GLY B 51 -5.05 13.72 19.62
CA GLY B 51 -5.10 15.16 19.82
C GLY B 51 -6.39 15.78 19.35
N ASP B 52 -7.35 14.92 19.00
CA ASP B 52 -8.64 15.36 18.49
C ASP B 52 -8.51 15.80 17.02
N CYS B 53 -7.43 15.35 16.38
CA CYS B 53 -7.17 15.68 14.97
C CYS B 53 -7.80 14.65 14.04
N ASP B 54 -8.03 15.06 12.81
CA ASP B 54 -8.60 14.16 11.80
C ASP B 54 -7.46 13.29 11.28
N GLN B 55 -6.25 13.83 11.32
CA GLN B 55 -5.09 13.09 10.81
C GLN B 55 -3.81 13.29 11.59
N PHE B 56 -2.75 13.72 10.91
CA PHE B 56 -1.46 13.94 11.54
C PHE B 56 -1.59 14.77 12.82
N CYS B 57 -0.92 14.31 13.86
CA CYS B 57 -0.92 15.00 15.16
C CYS B 57 0.53 15.12 15.65
N HIS B 58 0.89 16.31 16.13
CA HIS B 58 2.22 16.59 16.67
C HIS B 58 2.10 17.52 17.86
N GLU B 59 3.06 17.46 18.76
CA GLU B 59 3.06 18.32 19.94
C GLU B 59 4.13 19.38 19.68
N GLU B 60 4.15 19.85 18.43
CA GLU B 60 5.10 20.85 17.91
C GLU B 60 5.39 22.08 18.76
N GLN B 61 4.97 22.06 20.01
CA GLN B 61 5.21 23.15 20.95
C GLN B 61 4.94 22.63 22.36
N ASN B 62 4.01 23.30 23.02
CA ASN B 62 3.61 22.95 24.38
C ASN B 62 2.24 22.30 24.35
N SER B 63 1.60 22.37 23.18
CA SER B 63 0.27 21.81 23.01
C SER B 63 0.14 20.92 21.77
N VAL B 64 -1.09 20.70 21.32
CA VAL B 64 -1.33 19.86 20.16
C VAL B 64 -1.47 20.64 18.86
N VAL B 65 -0.82 20.15 17.81
CA VAL B 65 -0.89 20.79 16.51
C VAL B 65 -1.30 19.78 15.45
N CYS B 66 -2.39 20.07 14.74
CA CYS B 66 -2.87 19.17 13.70
C CYS B 66 -2.41 19.61 12.31
N SER B 67 -2.42 18.65 11.37
CA SER B 67 -2.02 18.88 9.99
C SER B 67 -2.64 17.80 9.12
N CYS B 68 -2.79 18.07 7.83
CA CYS B 68 -3.41 17.08 6.96
C CYS B 68 -2.42 16.60 5.91
N ALA B 69 -2.84 15.65 5.07
CA ALA B 69 -1.97 15.14 4.01
C ALA B 69 -1.94 16.14 2.86
N ARG B 70 -1.14 15.86 1.82
CA ARG B 70 -1.08 16.77 0.67
C ARG B 70 -2.38 16.65 -0.11
N GLY B 71 -2.99 17.81 -0.37
CA GLY B 71 -4.26 17.82 -1.08
C GLY B 71 -5.43 17.99 -0.15
N TYR B 72 -5.15 18.47 1.05
CA TYR B 72 -6.16 18.72 2.09
C TYR B 72 -5.80 20.02 2.81
N THR B 73 -6.78 20.82 3.18
CA THR B 73 -6.44 22.04 3.88
C THR B 73 -7.00 21.97 5.30
N LEU B 74 -6.14 22.27 6.27
CA LEU B 74 -6.56 22.24 7.66
C LEU B 74 -7.67 23.28 7.84
N ALA B 75 -8.84 22.81 8.24
CA ALA B 75 -10.00 23.68 8.44
C ALA B 75 -9.68 24.80 9.41
N ASP B 76 -10.65 25.66 9.66
CA ASP B 76 -10.44 26.78 10.56
C ASP B 76 -10.61 26.47 12.05
N ASN B 77 -10.69 25.18 12.39
CA ASN B 77 -10.80 24.76 13.78
C ASN B 77 -9.54 23.95 14.07
N GLY B 78 -8.48 24.30 13.37
CA GLY B 78 -7.19 23.65 13.51
C GLY B 78 -7.19 22.12 13.64
N LYS B 79 -8.29 21.46 13.30
CA LYS B 79 -8.33 20.01 13.44
C LYS B 79 -8.89 19.24 12.27
N ALA B 80 -9.99 19.73 11.71
CA ALA B 80 -10.65 19.05 10.60
C ALA B 80 -9.85 19.14 9.32
N CYS B 81 -9.90 18.10 8.50
CA CYS B 81 -9.18 18.10 7.23
C CYS B 81 -10.18 18.25 6.08
N ILE B 82 -10.02 19.31 5.30
CA ILE B 82 -10.93 19.57 4.19
C ILE B 82 -10.31 19.30 2.83
N PRO B 83 -10.91 18.39 2.05
CA PRO B 83 -10.38 18.08 0.71
C PRO B 83 -10.38 19.35 -0.14
N THR B 84 -9.30 19.56 -0.87
CA THR B 84 -9.21 20.74 -1.73
C THR B 84 -9.56 20.36 -3.18
N GLY B 85 -9.15 19.16 -3.59
CA GLY B 85 -9.43 18.71 -4.94
C GLY B 85 -10.67 17.85 -5.03
N PRO B 86 -11.05 17.40 -6.23
CA PRO B 86 -12.21 16.56 -6.52
C PRO B 86 -12.07 15.06 -6.22
N TYR B 87 -10.83 14.60 -6.04
CA TYR B 87 -10.54 13.19 -5.75
C TYR B 87 -9.32 13.08 -4.82
N PRO B 88 -9.50 13.36 -3.52
CA PRO B 88 -8.44 13.30 -2.52
C PRO B 88 -7.93 11.90 -2.18
N CYS B 89 -6.70 11.82 -1.67
CA CYS B 89 -6.11 10.55 -1.31
C CYS B 89 -6.81 10.02 -0.06
N GLY B 90 -6.75 8.72 0.15
CA GLY B 90 -7.39 8.15 1.31
C GLY B 90 -8.87 7.83 1.15
N LYS B 91 -9.60 8.58 0.32
CA LYS B 91 -11.03 8.33 0.18
C LYS B 91 -11.51 7.36 -0.91
N GLN B 92 -12.27 6.35 -0.49
CA GLN B 92 -12.80 5.37 -1.43
C GLN B 92 -13.73 6.15 -2.35
N THR B 93 -13.60 5.92 -3.65
CA THR B 93 -14.42 6.63 -4.62
C THR B 93 -15.90 6.29 -4.46
N LEU B 94 -16.75 7.30 -4.43
CA LEU B 94 -18.19 7.08 -4.29
C LEU B 94 -19.00 7.96 -5.22
#